data_7MZR
#
_entry.id   7MZR
#
_cell.length_a   79.075
_cell.length_b   79.075
_cell.length_c   70.183
_cell.angle_alpha   90.000
_cell.angle_beta   90.000
_cell.angle_gamma   90.000
#
_symmetry.space_group_name_H-M   'I 4'
#
loop_
_entity.id
_entity.type
_entity.pdbx_description
1 polymer 'Fimbrial adhesin UcaD'
2 non-polymer beta-D-glucopyranose
3 non-polymer 'CHLORIDE ION'
4 water water
#
_entity_poly.entity_id   1
_entity_poly.type   'polypeptide(L)'
_entity_poly.pdbx_seq_one_letter_code
;MGANDYVPSPITINTSTLPVVVIGPADAHTYPRVIGELTGTSNQYIFNGGSLIALMRGKFTPTLPKIGKITYNFRQGNNT
QSSDFDIFDTGVPGLGIIIGMAGYWPATPLVPINSSSIYIDPVAANTNPNAYNGATGSFGARLYVAFVATGRLPNGYVTI
PTKQLGHILLESNRASLNNKRLTAPVMLNGGRIQVQSLEHHHHHH
;
_entity_poly.pdbx_strand_id   A
#
# COMPACT_ATOMS: atom_id res chain seq x y z
N GLY A 2 -3.77 -9.28 -27.16
CA GLY A 2 -4.11 -7.95 -27.63
C GLY A 2 -3.16 -6.87 -27.14
N ALA A 3 -3.10 -5.79 -27.93
CA ALA A 3 -2.16 -4.71 -27.63
C ALA A 3 -2.34 -4.17 -26.22
N ASN A 4 -3.59 -4.11 -25.76
CA ASN A 4 -3.91 -3.51 -24.47
C ASN A 4 -4.42 -4.55 -23.49
N ASP A 5 -4.17 -5.83 -23.75
CA ASP A 5 -4.71 -6.92 -22.94
C ASP A 5 -3.94 -7.08 -21.63
N TYR A 6 -3.70 -5.97 -20.94
CA TYR A 6 -3.12 -6.04 -19.61
C TYR A 6 -4.20 -6.56 -18.65
N VAL A 7 -3.77 -7.38 -17.69
CA VAL A 7 -4.70 -7.87 -16.67
C VAL A 7 -4.14 -7.58 -15.29
N PRO A 8 -4.99 -7.32 -14.33
CA PRO A 8 -4.54 -7.03 -12.96
C PRO A 8 -4.29 -8.30 -12.15
N SER A 9 -3.42 -8.16 -11.14
CA SER A 9 -3.13 -9.19 -10.17
C SER A 9 -3.04 -8.47 -8.82
N PRO A 10 -3.50 -9.09 -7.74
CA PRO A 10 -3.39 -8.45 -6.41
C PRO A 10 -1.94 -8.32 -5.96
N ILE A 11 -1.72 -7.39 -5.03
CA ILE A 11 -0.52 -7.34 -4.22
C ILE A 11 -0.98 -7.43 -2.77
N THR A 12 -0.32 -8.28 -2.00
CA THR A 12 -0.78 -8.69 -0.68
C THR A 12 0.37 -8.63 0.32
N ILE A 13 0.03 -8.31 1.56
CA ILE A 13 0.98 -8.31 2.65
C ILE A 13 0.33 -9.05 3.82
N ASN A 14 1.14 -9.69 4.66
CA ASN A 14 0.63 -10.68 5.61
C ASN A 14 0.67 -10.23 7.08
N THR A 15 -0.50 -10.18 7.71
CA THR A 15 -0.61 -9.89 9.14
C THR A 15 0.30 -10.80 9.95
N SER A 16 0.46 -12.04 9.51
CA SER A 16 1.21 -13.05 10.26
C SER A 16 2.68 -12.69 10.46
N THR A 17 3.21 -11.70 9.75
CA THR A 17 4.60 -11.35 9.95
C THR A 17 4.83 -10.28 11.03
N LEU A 18 3.78 -9.80 11.69
CA LEU A 18 4.00 -8.84 12.81
C LEU A 18 4.62 -9.58 13.98
N PRO A 19 5.78 -9.15 14.50
CA PRO A 19 6.31 -9.75 15.73
C PRO A 19 5.34 -9.59 16.90
N VAL A 20 5.56 -10.40 17.94
CA VAL A 20 4.81 -10.23 19.20
C VAL A 20 4.94 -8.79 19.66
N VAL A 21 3.82 -8.20 20.04
CA VAL A 21 3.75 -6.83 20.52
C VAL A 21 3.91 -6.89 22.04
N VAL A 22 5.05 -6.43 22.54
CA VAL A 22 5.32 -6.42 23.97
C VAL A 22 5.13 -5.02 24.47
N ILE A 23 4.26 -4.86 25.47
CA ILE A 23 3.90 -3.54 25.97
C ILE A 23 4.51 -3.32 27.36
N HIS A 29 0.74 4.76 28.46
CA HIS A 29 0.55 4.23 27.10
C HIS A 29 -0.01 5.28 26.15
N THR A 30 0.68 5.41 25.02
CA THR A 30 0.49 6.52 24.12
C THR A 30 -0.33 6.07 22.92
N TYR A 31 -1.31 6.87 22.55
CA TYR A 31 -2.10 6.64 21.34
C TYR A 31 -2.05 7.90 20.50
N PRO A 32 -1.87 7.78 19.17
CA PRO A 32 -1.58 6.52 18.46
C PRO A 32 -0.10 6.23 18.52
N ARG A 33 0.28 4.96 18.31
CA ARG A 33 1.68 4.61 18.17
C ARG A 33 1.81 3.39 17.29
N VAL A 34 2.91 3.33 16.57
CA VAL A 34 3.22 2.16 15.76
C VAL A 34 3.71 1.05 16.66
N ILE A 35 3.12 -0.15 16.51
CA ILE A 35 3.46 -1.31 17.33
C ILE A 35 4.23 -2.38 16.57
N GLY A 36 4.48 -2.21 15.29
CA GLY A 36 5.36 -3.09 14.53
C GLY A 36 5.13 -2.93 13.04
N GLU A 37 6.09 -3.41 12.27
CA GLU A 37 5.95 -3.44 10.82
C GLU A 37 5.75 -4.85 10.30
N LEU A 38 4.90 -4.99 9.28
CA LEU A 38 4.86 -6.26 8.58
C LEU A 38 6.04 -6.37 7.63
N THR A 39 6.33 -7.60 7.22
CA THR A 39 7.35 -7.82 6.21
C THR A 39 6.88 -7.26 4.87
N GLY A 40 7.64 -6.34 4.30
CA GLY A 40 7.25 -5.73 3.05
C GLY A 40 7.23 -6.74 1.93
N THR A 41 6.32 -6.53 0.98
CA THR A 41 6.12 -7.46 -0.12
C THR A 41 6.20 -6.70 -1.43
N SER A 42 6.28 -7.45 -2.52
CA SER A 42 6.35 -6.82 -3.84
C SER A 42 5.73 -7.74 -4.88
N ASN A 43 5.22 -7.13 -5.93
CA ASN A 43 4.68 -7.88 -7.08
C ASN A 43 5.14 -7.13 -8.32
N GLN A 44 5.98 -7.79 -9.12
CA GLN A 44 6.49 -7.16 -10.33
C GLN A 44 5.42 -7.02 -11.40
N TYR A 45 4.35 -7.80 -11.32
CA TYR A 45 3.37 -7.92 -12.40
C TYR A 45 1.96 -7.68 -11.89
N ILE A 46 1.76 -6.50 -11.27
CA ILE A 46 0.40 -6.11 -10.88
C ILE A 46 -0.45 -5.88 -12.13
N PHE A 47 0.11 -5.25 -13.16
CA PHE A 47 -0.51 -5.21 -14.48
C PHE A 47 0.46 -5.80 -15.49
N ASN A 48 -0.03 -6.70 -16.33
CA ASN A 48 0.86 -7.42 -17.23
C ASN A 48 0.02 -8.10 -18.31
N GLY A 49 0.59 -8.29 -19.48
CA GLY A 49 -0.02 -9.15 -20.48
C GLY A 49 -0.36 -8.50 -21.81
N GLY A 50 -0.36 -7.19 -21.94
CA GLY A 50 -0.60 -6.58 -23.22
C GLY A 50 0.62 -6.72 -24.11
N SER A 51 0.37 -6.89 -25.42
CA SER A 51 1.50 -7.14 -26.31
C SER A 51 2.24 -5.88 -26.72
N LEU A 52 1.63 -4.71 -26.55
CA LEU A 52 2.26 -3.44 -26.91
C LEU A 52 2.73 -2.73 -25.63
N ILE A 53 4.02 -2.43 -25.56
CA ILE A 53 4.55 -1.69 -24.42
C ILE A 53 3.78 -0.38 -24.25
N ALA A 54 3.77 0.12 -23.02
CA ALA A 54 3.03 1.33 -22.70
C ALA A 54 3.77 2.09 -21.60
N LEU A 55 3.58 3.40 -21.62
CA LEU A 55 3.90 4.27 -20.49
C LEU A 55 2.74 4.24 -19.51
N MET A 56 3.02 3.80 -18.30
CA MET A 56 2.00 3.49 -17.30
C MET A 56 2.34 4.14 -15.97
N ARG A 57 1.32 4.27 -15.14
CA ARG A 57 1.47 4.76 -13.77
C ARG A 57 0.35 4.15 -12.94
N GLY A 58 0.58 4.08 -11.64
CA GLY A 58 -0.41 3.50 -10.75
C GLY A 58 -0.90 4.50 -9.72
N LYS A 59 -2.21 4.69 -9.67
CA LYS A 59 -2.85 5.59 -8.73
C LYS A 59 -3.50 4.75 -7.64
N PHE A 60 -3.03 4.91 -6.39
CA PHE A 60 -3.59 4.14 -5.29
C PHE A 60 -4.68 4.93 -4.58
N THR A 61 -5.82 4.28 -4.35
CA THR A 61 -6.90 4.87 -3.56
C THR A 61 -7.18 3.97 -2.37
N PRO A 62 -6.95 4.42 -1.14
CA PRO A 62 -7.32 3.60 0.01
C PRO A 62 -8.81 3.64 0.22
N THR A 63 -9.36 2.51 0.68
CA THR A 63 -10.81 2.40 0.80
C THR A 63 -11.27 1.93 2.17
N LEU A 64 -10.40 1.92 3.17
CA LEU A 64 -10.80 1.72 4.56
C LEU A 64 -11.03 3.06 5.25
N PRO A 65 -11.78 3.07 6.34
CA PRO A 65 -12.03 4.33 7.06
C PRO A 65 -10.74 4.97 7.55
N LYS A 66 -10.61 6.27 7.36
CA LYS A 66 -9.42 7.01 7.79
C LYS A 66 -9.70 7.64 9.15
N ILE A 67 -8.96 7.20 10.17
CA ILE A 67 -9.22 7.64 11.55
C ILE A 67 -8.46 8.93 11.90
N GLY A 68 -7.27 9.13 11.34
CA GLY A 68 -6.47 10.29 11.64
C GLY A 68 -5.08 10.07 11.08
N LYS A 69 -4.12 10.86 11.56
CA LYS A 69 -2.76 10.80 11.05
C LYS A 69 -1.77 10.51 12.15
N ILE A 70 -0.61 9.97 11.75
CA ILE A 70 0.51 9.72 12.64
C ILE A 70 1.80 9.96 11.86
N THR A 71 2.81 10.49 12.56
CA THR A 71 4.14 10.67 11.97
C THR A 71 4.96 9.40 12.15
N TYR A 72 5.66 8.99 11.09
CA TYR A 72 6.44 7.75 11.15
C TYR A 72 7.51 7.71 10.08
N ASN A 73 8.49 6.84 10.30
CA ASN A 73 9.55 6.58 9.33
C ASN A 73 9.77 5.07 9.30
N PHE A 74 9.35 4.43 8.21
CA PHE A 74 9.51 2.99 8.09
C PHE A 74 10.99 2.63 8.23
N ARG A 75 11.27 1.63 9.05
CA ARG A 75 12.61 1.05 9.14
C ARG A 75 13.02 0.48 7.79
N GLN A 76 12.11 -0.26 7.16
CA GLN A 76 12.22 -0.66 5.76
C GLN A 76 12.15 0.60 4.89
N GLY A 77 12.42 0.41 3.60
CA GLY A 77 12.50 1.57 2.72
C GLY A 77 13.62 2.50 3.12
N ASN A 78 13.92 3.48 2.28
CA ASN A 78 15.13 4.27 2.41
C ASN A 78 14.88 5.73 2.75
N ASN A 79 13.66 6.09 3.14
CA ASN A 79 13.40 7.45 3.59
C ASN A 79 14.17 7.71 4.88
N THR A 80 14.77 8.89 4.97
CA THR A 80 15.54 9.26 6.16
C THR A 80 14.78 10.20 7.08
N GLN A 81 13.73 10.81 6.59
CA GLN A 81 12.87 11.70 7.35
C GLN A 81 11.50 11.08 7.57
N SER A 82 10.92 11.40 8.72
CA SER A 82 9.57 10.95 9.00
C SER A 82 8.56 11.69 8.13
N SER A 83 7.40 11.06 7.93
CA SER A 83 6.32 11.64 7.18
C SER A 83 5.02 11.39 7.92
N ASP A 84 3.97 12.10 7.49
CA ASP A 84 2.63 11.83 7.99
C ASP A 84 2.02 10.69 7.20
N PHE A 85 1.36 9.79 7.91
CA PHE A 85 0.62 8.66 7.34
C PHE A 85 -0.82 8.72 7.83
N ASP A 86 -1.76 8.43 6.93
CA ASP A 86 -3.15 8.21 7.34
C ASP A 86 -3.28 6.87 8.05
N ILE A 87 -3.99 6.86 9.17
CA ILE A 87 -4.28 5.64 9.91
C ILE A 87 -5.61 5.11 9.42
N PHE A 88 -5.63 3.84 9.01
CA PHE A 88 -6.84 3.22 8.48
C PHE A 88 -7.33 2.17 9.47
N ASP A 89 -8.66 2.12 9.63
CA ASP A 89 -9.29 1.21 10.58
C ASP A 89 -9.31 -0.21 10.02
N THR A 90 -8.71 -1.15 10.77
CA THR A 90 -8.82 -2.56 10.42
C THR A 90 -10.21 -3.13 10.68
N GLY A 91 -11.03 -2.42 11.44
CA GLY A 91 -12.26 -2.97 11.97
C GLY A 91 -12.13 -3.54 13.37
N VAL A 92 -10.91 -3.92 13.79
CA VAL A 92 -10.68 -4.44 15.12
C VAL A 92 -10.42 -3.25 16.04
N PRO A 93 -11.20 -3.06 17.09
CA PRO A 93 -11.02 -1.87 17.93
C PRO A 93 -9.60 -1.81 18.48
N GLY A 94 -9.06 -0.61 18.46
CA GLY A 94 -7.73 -0.39 18.96
C GLY A 94 -6.62 -0.61 17.98
N LEU A 95 -6.90 -1.13 16.77
CA LEU A 95 -5.86 -1.45 15.80
C LEU A 95 -6.14 -0.79 14.47
N GLY A 96 -5.19 0.02 14.01
CA GLY A 96 -5.20 0.56 12.66
C GLY A 96 -3.92 0.15 11.96
N ILE A 97 -3.83 0.53 10.68
CA ILE A 97 -2.62 0.32 9.90
C ILE A 97 -2.26 1.60 9.18
N ILE A 98 -0.98 1.75 8.87
CA ILE A 98 -0.49 2.79 7.97
C ILE A 98 0.16 2.07 6.81
N ILE A 99 0.21 2.74 5.66
CA ILE A 99 0.57 2.14 4.41
C ILE A 99 1.60 3.01 3.69
N GLY A 100 2.64 2.37 3.15
CA GLY A 100 3.47 3.01 2.14
C GLY A 100 3.54 2.13 0.91
N MET A 101 3.71 2.77 -0.24
CA MET A 101 3.88 1.99 -1.47
C MET A 101 4.95 2.65 -2.33
N ALA A 102 5.57 1.84 -3.19
CA ALA A 102 6.64 2.33 -4.04
C ALA A 102 6.56 1.62 -5.38
N GLY A 103 7.31 2.16 -6.34
CA GLY A 103 7.58 1.41 -7.54
C GLY A 103 8.33 0.12 -7.25
N TYR A 104 8.32 -0.77 -8.23
CA TYR A 104 8.89 -2.09 -8.02
C TYR A 104 10.38 -2.02 -7.77
N TRP A 105 11.08 -1.26 -8.57
CA TRP A 105 12.53 -1.32 -8.46
C TRP A 105 13.00 -0.55 -7.23
N PRO A 106 14.12 -0.97 -6.64
CA PRO A 106 14.46 -0.50 -5.28
C PRO A 106 14.80 0.97 -5.18
N ALA A 107 15.22 1.61 -6.27
CA ALA A 107 15.57 3.02 -6.25
C ALA A 107 14.36 3.95 -6.10
N THR A 108 13.14 3.47 -6.43
CA THR A 108 11.98 4.35 -6.31
C THR A 108 11.59 4.47 -4.85
N PRO A 109 11.15 5.65 -4.40
CA PRO A 109 10.94 5.86 -2.97
C PRO A 109 9.62 5.32 -2.45
N LEU A 110 9.65 4.97 -1.16
CA LEU A 110 8.42 4.69 -0.43
C LEU A 110 7.58 5.95 -0.41
N VAL A 111 6.32 5.83 -0.86
CA VAL A 111 5.37 6.94 -0.91
C VAL A 111 4.38 6.76 0.26
N PRO A 112 4.41 7.62 1.24
CA PRO A 112 3.43 7.51 2.34
C PRO A 112 2.03 7.75 1.83
N ILE A 113 1.07 6.96 2.31
CA ILE A 113 -0.32 7.14 1.94
C ILE A 113 -0.92 8.12 2.94
N ASN A 114 -1.12 9.36 2.50
CA ASN A 114 -1.65 10.40 3.39
C ASN A 114 -2.59 11.36 2.66
N SER A 115 -3.23 10.87 1.60
CA SER A 115 -4.23 11.66 0.86
C SER A 115 -5.27 10.71 0.29
N SER A 116 -6.32 11.30 -0.26
CA SER A 116 -7.44 10.51 -0.78
C SER A 116 -7.01 9.54 -1.88
N SER A 117 -6.09 9.97 -2.74
CA SER A 117 -5.46 9.11 -3.74
C SER A 117 -4.05 9.64 -3.94
N ILE A 118 -3.14 8.77 -4.40
CA ILE A 118 -1.78 9.22 -4.71
C ILE A 118 -1.19 8.32 -5.77
N TYR A 119 -0.30 8.88 -6.58
CA TYR A 119 0.48 8.06 -7.50
C TYR A 119 1.64 7.45 -6.73
N ILE A 120 1.70 6.13 -6.72
CA ILE A 120 2.79 5.44 -6.05
C ILE A 120 4.00 5.27 -6.96
N ASP A 121 3.84 5.42 -8.28
CA ASP A 121 4.95 5.32 -9.22
C ASP A 121 4.45 5.76 -10.60
N PRO A 122 5.08 6.75 -11.22
CA PRO A 122 6.23 7.54 -10.72
C PRO A 122 5.74 8.61 -9.75
N VAL A 123 6.48 8.87 -8.68
CA VAL A 123 6.00 9.86 -7.73
C VAL A 123 5.94 11.26 -8.36
N ALA A 124 6.66 11.48 -9.47
CA ALA A 124 6.55 12.74 -10.18
C ALA A 124 5.13 13.03 -10.64
N ALA A 125 4.32 11.99 -10.89
CA ALA A 125 2.96 12.22 -11.38
C ALA A 125 2.09 12.98 -10.37
N ASN A 126 2.53 13.07 -9.11
CA ASN A 126 1.72 13.77 -8.13
C ASN A 126 1.75 15.27 -8.34
N THR A 127 2.78 15.77 -9.02
CA THR A 127 2.86 17.19 -9.37
C THR A 127 2.97 17.46 -10.87
N ASN A 128 2.95 16.43 -11.71
CA ASN A 128 2.98 16.60 -13.16
C ASN A 128 2.00 15.61 -13.74
N PRO A 129 0.83 16.06 -14.20
CA PRO A 129 -0.19 15.10 -14.64
C PRO A 129 0.15 14.38 -15.93
N ASN A 130 1.26 14.72 -16.58
CA ASN A 130 1.69 14.04 -17.80
C ASN A 130 2.94 13.19 -17.60
N ALA A 131 3.29 12.87 -16.35
CA ALA A 131 4.42 12.00 -16.05
C ALA A 131 3.96 10.56 -15.90
N TYR A 132 4.70 9.65 -16.54
CA TYR A 132 4.45 8.22 -16.52
C TYR A 132 5.77 7.47 -16.37
N ASN A 133 5.69 6.19 -16.03
CA ASN A 133 6.88 5.35 -16.14
C ASN A 133 7.35 5.27 -17.58
N GLY A 134 8.64 5.03 -17.76
CA GLY A 134 9.14 4.74 -19.10
C GLY A 134 8.48 3.49 -19.66
N ALA A 135 8.41 3.43 -20.99
CA ALA A 135 7.63 2.42 -21.64
C ALA A 135 8.16 1.02 -21.34
N THR A 136 7.24 0.11 -21.02
CA THR A 136 7.61 -1.28 -20.81
C THR A 136 6.33 -2.12 -20.82
N GLY A 137 6.46 -3.39 -20.50
CA GLY A 137 5.38 -4.33 -20.64
C GLY A 137 4.70 -4.73 -19.35
N SER A 138 5.01 -4.06 -18.24
CA SER A 138 4.44 -4.44 -16.97
C SER A 138 4.49 -3.25 -16.01
N PHE A 139 3.66 -3.33 -14.97
CA PHE A 139 3.69 -2.38 -13.86
C PHE A 139 3.65 -3.16 -12.55
N GLY A 140 4.63 -2.95 -11.68
CA GLY A 140 4.65 -3.58 -10.38
C GLY A 140 4.83 -2.56 -9.27
N ALA A 141 4.88 -3.08 -8.04
CA ALA A 141 4.98 -2.17 -6.89
C ALA A 141 5.50 -2.93 -5.70
N ARG A 142 5.91 -2.16 -4.70
CA ARG A 142 6.24 -2.65 -3.36
C ARG A 142 5.20 -2.12 -2.38
N LEU A 143 4.90 -2.93 -1.37
CA LEU A 143 3.91 -2.60 -0.35
C LEU A 143 4.50 -2.69 1.04
N TYR A 144 4.24 -1.66 1.87
CA TYR A 144 4.69 -1.60 3.25
C TYR A 144 3.51 -1.30 4.17
N VAL A 145 3.43 -2.00 5.30
CA VAL A 145 2.34 -1.77 6.23
C VAL A 145 2.88 -1.87 7.65
N ALA A 146 2.40 -0.99 8.51
CA ALA A 146 2.69 -1.09 9.93
C ALA A 146 1.38 -1.03 10.72
N PHE A 147 1.35 -1.76 11.82
CA PHE A 147 0.20 -1.73 12.71
C PHE A 147 0.34 -0.60 13.72
N VAL A 148 -0.80 -0.03 14.10
CA VAL A 148 -0.88 1.15 14.95
C VAL A 148 -1.85 0.85 16.08
N ALA A 149 -1.42 1.07 17.32
CA ALA A 149 -2.33 1.03 18.45
C ALA A 149 -3.10 2.34 18.50
N THR A 150 -4.40 2.29 18.22
CA THR A 150 -5.25 3.46 18.30
C THR A 150 -6.02 3.52 19.59
N GLY A 151 -5.80 2.54 20.46
CA GLY A 151 -6.46 2.48 21.75
C GLY A 151 -5.93 1.30 22.51
N ARG A 152 -6.39 1.18 23.76
CA ARG A 152 -5.87 0.14 24.64
C ARG A 152 -6.12 -1.26 24.07
N LEU A 153 -5.09 -2.10 24.08
CA LEU A 153 -5.15 -3.46 23.55
C LEU A 153 -5.23 -4.46 24.69
N PRO A 154 -6.08 -5.47 24.60
CA PRO A 154 -6.03 -6.55 25.59
C PRO A 154 -4.85 -7.49 25.34
N ASN A 155 -4.51 -8.25 26.37
CA ASN A 155 -3.46 -9.25 26.28
C ASN A 155 -3.97 -10.48 25.52
N GLY A 156 -3.05 -11.12 24.83
CA GLY A 156 -3.30 -12.39 24.17
C GLY A 156 -3.39 -12.28 22.66
N TYR A 157 -3.96 -13.33 22.07
CA TYR A 157 -4.10 -13.37 20.62
C TYR A 157 -5.31 -12.56 20.17
N VAL A 158 -5.17 -11.95 18.99
CA VAL A 158 -6.22 -11.18 18.32
C VAL A 158 -6.23 -11.58 16.86
N THR A 159 -7.42 -11.83 16.30
CA THR A 159 -7.55 -12.16 14.89
C THR A 159 -7.84 -10.89 14.10
N ILE A 160 -7.06 -10.68 13.05
CA ILE A 160 -7.30 -9.61 12.09
C ILE A 160 -7.96 -10.23 10.86
N PRO A 161 -9.13 -9.76 10.44
CA PRO A 161 -9.72 -10.29 9.21
C PRO A 161 -8.91 -9.87 8.00
N THR A 162 -9.09 -10.60 6.91
CA THR A 162 -8.54 -10.15 5.64
C THR A 162 -9.25 -8.88 5.22
N LYS A 163 -8.49 -7.86 4.86
CA LYS A 163 -9.03 -6.56 4.51
C LYS A 163 -8.47 -6.11 3.17
N GLN A 164 -9.33 -5.51 2.35
CA GLN A 164 -8.86 -4.81 1.15
C GLN A 164 -8.45 -3.39 1.54
N LEU A 165 -7.16 -3.11 1.44
CA LEU A 165 -6.64 -1.81 1.82
C LEU A 165 -7.01 -0.74 0.82
N GLY A 166 -7.15 -1.12 -0.45
CA GLY A 166 -7.46 -0.16 -1.48
C GLY A 166 -7.26 -0.82 -2.84
N HIS A 167 -7.17 0.02 -3.87
CA HIS A 167 -6.92 -0.51 -5.21
C HIS A 167 -5.96 0.42 -5.95
N ILE A 168 -5.23 -0.16 -6.90
CA ILE A 168 -4.40 0.60 -7.82
C ILE A 168 -5.14 0.66 -9.14
N LEU A 169 -5.31 1.88 -9.65
CA LEU A 169 -5.81 2.14 -11.00
C LEU A 169 -4.62 2.29 -11.96
N LEU A 170 -4.67 1.56 -13.06
CA LEU A 170 -3.67 1.73 -14.11
C LEU A 170 -4.04 2.90 -15.00
N GLU A 171 -3.12 3.85 -15.14
CA GLU A 171 -3.30 4.96 -16.07
C GLU A 171 -2.19 4.89 -17.11
N SER A 172 -2.48 5.44 -18.29
CA SER A 172 -1.54 5.39 -19.40
C SER A 172 -1.78 6.61 -20.26
N ASN A 173 -0.74 7.04 -21.01
CA ASN A 173 -0.95 8.07 -22.01
C ASN A 173 -1.47 7.49 -23.32
N ARG A 174 -1.64 6.16 -23.40
CA ARG A 174 -2.38 5.54 -24.48
C ARG A 174 -3.85 5.47 -24.11
N ALA A 175 -4.69 6.19 -24.86
CA ALA A 175 -6.09 6.35 -24.47
C ALA A 175 -6.80 5.01 -24.34
N SER A 176 -6.58 4.09 -25.29
CA SER A 176 -7.30 2.83 -25.29
C SER A 176 -7.01 2.04 -24.03
N LEU A 177 -5.76 2.07 -23.57
CA LEU A 177 -5.40 1.38 -22.33
C LEU A 177 -5.91 2.13 -21.11
N ASN A 178 -5.74 3.45 -21.09
CA ASN A 178 -6.24 4.25 -19.98
C ASN A 178 -7.75 4.05 -19.78
N ASN A 179 -8.50 4.01 -20.89
N ASN A 179 -8.51 4.03 -20.87
CA ASN A 179 -9.95 3.95 -20.83
CA ASN A 179 -9.96 4.02 -20.65
C ASN A 179 -10.46 2.66 -20.21
C ASN A 179 -10.51 2.64 -20.29
N LYS A 180 -9.66 1.60 -20.21
CA LYS A 180 -10.10 0.35 -19.62
C LYS A 180 -10.26 0.48 -18.10
N ARG A 181 -9.58 1.44 -17.48
CA ARG A 181 -9.63 1.65 -16.02
CA ARG A 181 -9.66 1.64 -16.03
C ARG A 181 -9.40 0.33 -15.28
N LEU A 182 -8.33 -0.35 -15.68
CA LEU A 182 -7.93 -1.58 -15.02
C LEU A 182 -7.57 -1.30 -13.57
N THR A 183 -8.02 -2.17 -12.68
CA THR A 183 -7.80 -1.94 -11.26
C THR A 183 -7.37 -3.22 -10.58
N ALA A 184 -6.41 -3.09 -9.65
CA ALA A 184 -5.85 -4.22 -8.94
C ALA A 184 -5.99 -4.04 -7.44
N PRO A 185 -6.39 -5.07 -6.71
CA PRO A 185 -6.54 -4.93 -5.26
C PRO A 185 -5.23 -4.97 -4.50
N VAL A 186 -5.21 -4.20 -3.42
CA VAL A 186 -4.11 -4.11 -2.48
C VAL A 186 -4.67 -4.69 -1.19
N MET A 187 -4.17 -5.86 -0.79
CA MET A 187 -4.79 -6.67 0.24
C MET A 187 -3.92 -6.81 1.49
N LEU A 188 -4.58 -6.76 2.64
CA LEU A 188 -3.99 -7.21 3.90
C LEU A 188 -4.53 -8.61 4.20
N ASN A 189 -3.70 -9.61 4.01
CA ASN A 189 -4.11 -10.95 4.38
C ASN A 189 -4.24 -11.06 5.90
N GLY A 190 -5.40 -11.56 6.36
CA GLY A 190 -5.66 -11.66 7.78
C GLY A 190 -4.76 -12.68 8.45
N GLY A 191 -4.87 -12.74 9.77
CA GLY A 191 -4.02 -13.61 10.54
C GLY A 191 -4.20 -13.31 12.01
N ARG A 192 -3.20 -13.73 12.79
CA ARG A 192 -3.22 -13.60 14.23
C ARG A 192 -2.07 -12.72 14.67
N ILE A 193 -2.31 -11.82 15.62
CA ILE A 193 -1.23 -11.12 16.28
C ILE A 193 -1.33 -11.45 17.77
N GLN A 194 -0.25 -11.19 18.50
CA GLN A 194 -0.24 -11.45 19.93
C GLN A 194 0.25 -10.20 20.63
N VAL A 195 -0.45 -9.83 21.70
CA VAL A 195 -0.09 -8.74 22.59
C VAL A 195 0.32 -9.36 23.91
N GLN A 196 1.48 -8.96 24.43
CA GLN A 196 1.97 -9.36 25.74
C GLN A 196 2.05 -8.10 26.58
N SER A 197 1.20 -7.97 27.59
CA SER A 197 1.16 -6.78 28.43
C SER A 197 1.78 -7.14 29.77
N LEU A 198 3.02 -6.71 29.98
CA LEU A 198 3.78 -7.09 31.17
C LEU A 198 3.48 -6.16 32.34
#